data_4WU2
#
_entry.id   4WU2
#
_cell.length_a   45.980
_cell.length_b   137.670
_cell.length_c   80.010
_cell.angle_alpha   90.00
_cell.angle_beta   102.42
_cell.angle_gamma   90.00
#
_symmetry.space_group_name_H-M   'P 1 21 1'
#
loop_
_entity.id
_entity.type
_entity.pdbx_description
1 polymer 'Myo-inositol phosphohydrolase'
2 non-polymer D-MYO-INOSITOL-1,4,5-TRIPHOSPHATE
3 non-polymer 'PHOSPHATE ION'
4 non-polymer GLYCEROL
5 non-polymer 'CHLORIDE ION'
6 water water
#
_entity_poly.entity_id   1
_entity_poly.type   'polypeptide(L)'
_entity_poly.pdbx_seq_one_letter_code
;MGSSHHHHHHSSGLVPRGSHMASAKAPEQTVTEPVGSYARAERPQDFEGFVWRLDNDGKEALPRNFRTSADALRAPEKKF
HLDAAYVPSREGMDALHISGSSAFTPAQLKNVAAKLREKTAGPIYDVDLRQESHGYLDGIPVSWYGERDWANLGKSQHEA
LADERHRLHAALHKTVYIAPLGKHKLPEGGEVRRVQKVQTEQEVAEAAGMRYFRIAATDHVWPTPENIDRFLAFYRTLPQ
DAWLHFHSEAGVGRTTAFMVMTDMLKNPSVSLKDILYRQHEIGGFYYGEFPIKTKDKDSWKTKYYREKIVMIEQFYRYVQ
ENRADGYQTPWSVWLKSHPAKA
;
_entity_poly.pdbx_strand_id   A,B
#
# COMPACT_ATOMS: atom_id res chain seq x y z
N THR A 30 6.85 -27.89 -32.44
CA THR A 30 5.55 -28.29 -31.84
C THR A 30 5.39 -27.78 -30.39
N VAL A 31 6.32 -28.11 -29.49
CA VAL A 31 6.11 -27.82 -28.05
C VAL A 31 6.54 -26.42 -27.57
N THR A 32 5.58 -25.65 -27.10
CA THR A 32 5.80 -24.25 -26.78
C THR A 32 6.65 -24.06 -25.52
N GLU A 33 6.29 -24.75 -24.44
CA GLU A 33 7.04 -24.66 -23.19
C GLU A 33 7.32 -26.05 -22.62
N PRO A 34 8.58 -26.47 -22.62
CA PRO A 34 8.88 -27.78 -22.09
C PRO A 34 8.63 -27.84 -20.60
N VAL A 35 8.46 -29.06 -20.09
CA VAL A 35 8.38 -29.29 -18.67
C VAL A 35 9.63 -28.72 -18.02
N GLY A 36 9.42 -27.99 -16.93
CA GLY A 36 10.50 -27.27 -16.26
C GLY A 36 10.39 -25.79 -16.51
N SER A 37 9.64 -25.41 -17.55
CA SER A 37 9.51 -24.04 -17.98
C SER A 37 8.06 -23.57 -18.11
N TYR A 38 7.14 -24.19 -17.38
CA TYR A 38 5.74 -23.81 -17.47
C TYR A 38 5.52 -22.31 -17.18
N ALA A 39 6.16 -21.81 -16.12
CA ALA A 39 5.97 -20.42 -15.71
C ALA A 39 6.25 -19.42 -16.83
N ARG A 40 6.95 -19.86 -17.87
CA ARG A 40 7.23 -18.97 -18.99
C ARG A 40 5.98 -18.58 -19.77
N ALA A 41 4.89 -19.31 -19.56
CA ALA A 41 3.66 -19.06 -20.31
C ALA A 41 2.81 -17.99 -19.64
N GLU A 42 3.17 -17.63 -18.41
CA GLU A 42 2.45 -16.62 -17.65
C GLU A 42 2.89 -15.25 -18.12
N ARG A 43 2.07 -14.23 -17.91
CA ARG A 43 2.37 -12.89 -18.43
C ARG A 43 2.81 -11.96 -17.31
N PRO A 44 4.08 -11.51 -17.37
CA PRO A 44 4.69 -10.65 -16.37
C PRO A 44 3.91 -9.37 -16.05
N GLN A 45 3.28 -8.77 -17.06
CA GLN A 45 2.58 -7.52 -16.87
C GLN A 45 1.36 -7.68 -15.97
N ASP A 46 0.98 -8.92 -15.70
CA ASP A 46 -0.14 -9.19 -14.80
C ASP A 46 0.28 -9.37 -13.35
N PHE A 47 1.57 -9.28 -13.05
CA PHE A 47 2.03 -9.52 -11.67
C PHE A 47 3.00 -8.45 -11.17
N GLU A 48 2.88 -7.25 -11.73
CA GLU A 48 3.81 -6.17 -11.41
C GLU A 48 3.71 -5.74 -9.96
N GLY A 49 4.85 -5.32 -9.43
CA GLY A 49 4.95 -4.96 -8.02
C GLY A 49 4.08 -3.77 -7.63
N PHE A 50 3.50 -3.84 -6.44
CA PHE A 50 2.67 -2.75 -5.93
C PHE A 50 2.92 -2.32 -4.47
N VAL A 51 3.75 -3.03 -3.73
CA VAL A 51 3.97 -2.64 -2.33
C VAL A 51 5.23 -3.23 -1.73
N TRP A 52 5.81 -2.50 -0.79
CA TRP A 52 6.96 -2.98 -0.02
C TRP A 52 6.45 -3.91 1.05
N ARG A 53 6.73 -5.19 0.86
CA ARG A 53 6.26 -6.20 1.76
C ARG A 53 7.27 -6.40 2.89
N LEU A 54 6.75 -6.65 4.10
CA LEU A 54 7.60 -6.89 5.26
C LEU A 54 8.02 -8.35 5.30
N ASP A 55 9.30 -8.61 5.09
CA ASP A 55 9.83 -9.97 4.94
C ASP A 55 10.07 -10.64 6.28
N ASN A 56 10.26 -9.86 7.34
CA ASN A 56 10.41 -10.44 8.65
C ASN A 56 10.24 -9.38 9.73
N ASP A 57 9.37 -9.63 10.71
CA ASP A 57 9.06 -8.63 11.74
C ASP A 57 10.18 -8.47 12.77
N GLY A 58 11.21 -9.30 12.64
CA GLY A 58 12.41 -9.15 13.46
C GLY A 58 12.21 -9.35 14.94
N LYS A 59 11.16 -10.06 15.34
CA LYS A 59 10.94 -10.34 16.76
C LYS A 59 11.80 -11.50 17.28
N GLU A 60 11.97 -12.54 16.47
CA GLU A 60 12.77 -13.68 16.87
C GLU A 60 14.27 -13.44 16.68
N ALA A 61 15.08 -14.17 17.45
CA ALA A 61 16.54 -14.06 17.30
C ALA A 61 17.00 -14.68 15.99
N LEU A 62 16.26 -15.66 15.50
CA LEU A 62 16.62 -16.32 14.26
C LEU A 62 15.52 -16.15 13.20
N PRO A 63 15.88 -16.30 11.92
CA PRO A 63 14.86 -16.45 10.89
C PRO A 63 14.04 -17.72 11.09
N ARG A 64 12.93 -17.82 10.36
CA ARG A 64 12.07 -18.99 10.44
C ARG A 64 12.67 -20.14 9.65
N ASN A 65 12.22 -21.34 9.96
CA ASN A 65 12.70 -22.53 9.29
C ASN A 65 14.21 -22.64 9.19
N PHE A 66 14.89 -22.24 10.25
CA PHE A 66 16.34 -22.34 10.28
C PHE A 66 16.78 -23.77 10.50
N ARG A 67 17.64 -24.31 9.64
CA ARG A 67 18.10 -25.68 9.80
C ARG A 67 19.43 -25.91 9.15
N THR A 68 20.15 -26.92 9.64
CA THR A 68 21.45 -27.26 9.06
C THR A 68 21.51 -28.73 8.72
N SER A 69 22.44 -29.10 7.87
CA SER A 69 22.61 -30.48 7.48
C SER A 69 23.19 -31.33 8.60
N ALA A 70 23.47 -30.73 9.74
CA ALA A 70 24.01 -31.48 10.86
C ALA A 70 22.95 -31.71 11.92
N ASP A 71 21.74 -31.22 11.68
CA ASP A 71 20.65 -31.39 12.64
C ASP A 71 20.15 -32.83 12.69
N ALA A 72 19.58 -33.18 13.85
CA ALA A 72 18.90 -34.46 14.05
C ALA A 72 17.64 -34.51 13.18
N LEU A 73 17.28 -35.70 12.71
CA LEU A 73 16.05 -35.86 11.92
C LEU A 73 14.84 -35.90 12.86
N ARG A 74 13.73 -35.32 12.38
CA ARG A 74 12.47 -35.30 13.11
C ARG A 74 11.42 -36.11 12.37
N ALA A 75 10.26 -36.26 12.98
CA ALA A 75 9.18 -36.96 12.34
C ALA A 75 8.68 -36.18 11.12
N PRO A 76 8.46 -36.88 10.00
CA PRO A 76 7.90 -36.23 8.81
C PRO A 76 6.56 -35.58 9.09
N GLU A 77 6.18 -34.63 8.23
CA GLU A 77 4.90 -33.96 8.37
C GLU A 77 3.80 -34.85 7.82
N LYS A 78 2.66 -34.87 8.48
CA LYS A 78 1.59 -35.80 8.12
C LYS A 78 1.04 -35.56 6.74
N LYS A 79 1.05 -34.31 6.29
CA LYS A 79 0.47 -33.97 5.00
C LYS A 79 1.20 -34.63 3.83
N PHE A 80 2.43 -35.08 4.05
CA PHE A 80 3.16 -35.72 2.96
C PHE A 80 2.96 -37.24 2.95
N HIS A 81 2.21 -37.77 3.91
CA HIS A 81 1.93 -39.21 3.97
C HIS A 81 3.17 -40.03 3.66
N LEU A 82 4.21 -39.84 4.46
CA LEU A 82 5.42 -40.67 4.39
C LEU A 82 5.51 -41.79 5.44
N ASP A 83 6.45 -42.71 5.22
CA ASP A 83 6.73 -43.76 6.18
C ASP A 83 7.54 -43.21 7.36
N ALA A 84 6.86 -42.91 8.46
CA ALA A 84 7.48 -42.40 9.69
C ALA A 84 8.49 -43.38 10.32
N ALA A 85 8.38 -44.66 9.96
CA ALA A 85 9.28 -45.68 10.49
C ALA A 85 10.57 -45.73 9.71
N TYR A 86 10.56 -45.14 8.52
CA TYR A 86 11.74 -45.18 7.67
C TYR A 86 12.89 -44.42 8.28
N VAL A 87 14.05 -45.07 8.34
CA VAL A 87 15.28 -44.44 8.78
C VAL A 87 16.16 -44.22 7.57
N PRO A 88 16.25 -42.96 7.10
CA PRO A 88 17.05 -42.60 5.96
C PRO A 88 18.53 -42.63 6.32
N SER A 89 19.36 -42.94 5.33
CA SER A 89 20.79 -42.94 5.54
C SER A 89 21.26 -41.51 5.82
N ARG A 90 22.22 -41.37 6.74
CA ARG A 90 22.84 -40.08 7.03
C ARG A 90 24.21 -39.98 6.36
N GLU A 91 24.43 -40.82 5.36
CA GLU A 91 25.73 -40.86 4.68
C GLU A 91 26.04 -39.54 4.00
N GLY A 92 27.05 -38.85 4.53
CA GLY A 92 27.56 -37.64 3.90
C GLY A 92 27.01 -36.37 4.52
N MET A 93 26.03 -36.50 5.40
CA MET A 93 25.39 -35.33 5.98
C MET A 93 26.36 -34.53 6.84
N ASP A 94 27.22 -35.22 7.58
CA ASP A 94 28.19 -34.56 8.46
C ASP A 94 29.11 -33.64 7.69
N ALA A 95 29.40 -34.00 6.44
CA ALA A 95 30.32 -33.26 5.60
C ALA A 95 29.62 -32.31 4.64
N LEU A 96 28.29 -32.38 4.58
CA LEU A 96 27.51 -31.64 3.60
C LEU A 96 27.68 -30.11 3.76
N HIS A 97 27.59 -29.64 5.00
CA HIS A 97 27.82 -28.23 5.33
C HIS A 97 26.92 -27.28 4.57
N ILE A 98 25.61 -27.43 4.74
CA ILE A 98 24.64 -26.45 4.22
C ILE A 98 23.58 -26.16 5.26
N SER A 99 22.87 -25.04 5.07
CA SER A 99 21.75 -24.66 5.93
C SER A 99 20.69 -23.90 5.14
N GLY A 100 19.53 -23.68 5.74
CA GLY A 100 18.48 -22.92 5.08
C GLY A 100 17.65 -22.09 6.03
N SER A 101 17.09 -21.00 5.56
CA SER A 101 16.13 -20.26 6.38
C SER A 101 15.28 -19.33 5.56
N SER A 102 14.34 -18.69 6.23
CA SER A 102 13.57 -17.64 5.65
C SER A 102 14.42 -16.39 5.54
N ALA A 103 13.80 -15.31 5.06
CA ALA A 103 14.45 -14.01 5.03
C ALA A 103 14.65 -13.57 6.46
N PHE A 104 15.49 -12.56 6.64
CA PHE A 104 15.94 -12.15 7.97
C PHE A 104 16.22 -10.65 8.06
N THR A 105 16.22 -10.15 9.29
CA THR A 105 16.71 -8.81 9.58
C THR A 105 18.24 -8.87 9.66
N PRO A 106 18.91 -7.73 9.67
CA PRO A 106 20.36 -7.77 9.83
C PRO A 106 20.82 -8.44 11.14
N ALA A 107 20.13 -8.16 12.25
CA ALA A 107 20.51 -8.73 13.54
C ALA A 107 20.33 -10.25 13.51
N GLN A 108 19.26 -10.70 12.86
CA GLN A 108 19.01 -12.13 12.71
C GLN A 108 20.11 -12.81 11.90
N LEU A 109 20.57 -12.17 10.85
CA LEU A 109 21.64 -12.74 10.04
C LEU A 109 22.95 -12.88 10.82
N LYS A 110 23.30 -11.87 11.61
CA LYS A 110 24.50 -11.95 12.43
C LYS A 110 24.40 -13.12 13.39
N ASN A 111 23.20 -13.36 13.92
CA ASN A 111 22.96 -14.51 14.77
C ASN A 111 23.13 -15.83 14.03
N VAL A 112 22.68 -15.88 12.78
CA VAL A 112 22.88 -17.06 11.94
C VAL A 112 24.36 -17.30 11.69
N ALA A 113 25.07 -16.24 11.27
CA ALA A 113 26.49 -16.32 10.98
C ALA A 113 27.29 -16.81 12.20
N ALA A 114 26.98 -16.30 13.38
CA ALA A 114 27.66 -16.76 14.60
C ALA A 114 27.42 -18.24 14.89
N LYS A 115 26.20 -18.72 14.69
CA LYS A 115 25.91 -20.13 14.89
C LYS A 115 26.65 -21.02 13.90
N LEU A 116 26.70 -20.60 12.64
CA LEU A 116 27.39 -21.37 11.61
C LEU A 116 28.90 -21.35 11.82
N ARG A 117 29.42 -20.22 12.31
CA ARG A 117 30.86 -20.12 12.56
C ARG A 117 31.33 -21.16 13.58
N GLU A 118 30.43 -21.60 14.44
CA GLU A 118 30.75 -22.62 15.43
C GLU A 118 30.90 -23.99 14.82
N LYS A 119 30.54 -24.14 13.54
CA LYS A 119 30.52 -25.45 12.92
C LYS A 119 31.58 -25.57 11.86
N THR A 120 32.17 -24.44 11.47
CA THR A 120 33.07 -24.43 10.35
C THR A 120 34.06 -23.29 10.41
N ALA A 121 35.24 -23.55 9.84
CA ALA A 121 36.28 -22.54 9.72
C ALA A 121 36.47 -22.15 8.27
N GLY A 122 35.52 -22.55 7.43
CA GLY A 122 35.58 -22.23 6.01
C GLY A 122 34.76 -21.00 5.70
N PRO A 123 34.76 -20.56 4.44
CA PRO A 123 33.97 -19.39 4.11
C PRO A 123 32.49 -19.74 4.16
N ILE A 124 31.70 -18.85 4.75
CA ILE A 124 30.27 -19.03 4.90
C ILE A 124 29.53 -18.17 3.88
N TYR A 125 28.67 -18.80 3.11
CA TYR A 125 28.00 -18.14 2.00
C TYR A 125 26.55 -17.87 2.34
N ASP A 126 26.12 -16.65 2.07
CA ASP A 126 24.73 -16.32 2.05
C ASP A 126 24.28 -16.49 0.61
N VAL A 127 23.57 -17.58 0.34
CA VAL A 127 23.08 -17.85 -1.02
C VAL A 127 21.62 -17.38 -1.13
N ASP A 128 21.46 -16.25 -1.80
CA ASP A 128 20.20 -15.54 -1.86
C ASP A 128 19.49 -16.02 -3.13
N LEU A 129 18.40 -16.74 -2.93
CA LEU A 129 17.68 -17.41 -4.01
C LEU A 129 16.49 -16.61 -4.53
N ARG A 130 16.36 -15.36 -4.10
CA ARG A 130 15.13 -14.60 -4.42
C ARG A 130 15.22 -13.78 -5.71
N GLN A 131 14.34 -14.07 -6.67
CA GLN A 131 14.22 -13.23 -7.88
C GLN A 131 13.61 -11.89 -7.57
N GLU A 132 12.67 -11.86 -6.63
CA GLU A 132 11.98 -10.62 -6.30
C GLU A 132 12.99 -9.57 -5.79
N SER A 133 12.76 -8.31 -6.12
CA SER A 133 13.63 -7.24 -5.62
C SER A 133 13.43 -7.08 -4.14
N HIS A 134 14.53 -7.09 -3.40
CA HIS A 134 14.48 -6.93 -1.98
C HIS A 134 15.70 -6.20 -1.47
N GLY A 135 15.64 -5.79 -0.22
CA GLY A 135 16.75 -5.12 0.44
C GLY A 135 16.32 -4.66 1.81
N TYR A 136 16.88 -3.54 2.25
CA TYR A 136 16.66 -3.08 3.61
C TYR A 136 16.51 -1.56 3.63
N LEU A 137 15.42 -1.13 4.25
CA LEU A 137 15.17 0.28 4.42
C LEU A 137 15.14 0.54 5.91
N ASP A 138 16.03 1.41 6.37
CA ASP A 138 16.26 1.60 7.79
C ASP A 138 16.47 0.25 8.48
N GLY A 139 17.15 -0.68 7.83
CA GLY A 139 17.42 -2.00 8.43
C GLY A 139 16.23 -2.94 8.46
N ILE A 140 15.14 -2.55 7.82
CA ILE A 140 13.95 -3.39 7.78
C ILE A 140 13.93 -4.19 6.49
N PRO A 141 13.88 -5.54 6.59
CA PRO A 141 13.88 -6.40 5.40
C PRO A 141 12.57 -6.29 4.62
N VAL A 142 12.63 -5.74 3.41
CA VAL A 142 11.45 -5.61 2.58
C VAL A 142 11.67 -6.15 1.17
N SER A 143 10.56 -6.37 0.46
CA SER A 143 10.61 -6.77 -0.93
C SER A 143 9.51 -6.11 -1.75
N TRP A 144 9.78 -5.85 -3.01
CA TRP A 144 8.77 -5.27 -3.90
C TRP A 144 7.85 -6.40 -4.35
N TYR A 145 6.67 -6.42 -3.76
CA TYR A 145 5.75 -7.52 -3.92
C TYR A 145 4.74 -7.23 -5.03
N GLY A 146 4.64 -8.19 -5.94
CA GLY A 146 3.58 -8.23 -6.94
C GLY A 146 2.78 -9.48 -6.65
N GLU A 147 1.59 -9.61 -7.22
CA GLU A 147 0.75 -10.77 -6.93
C GLU A 147 1.52 -12.05 -7.22
N ARG A 148 1.30 -13.06 -6.38
CA ARG A 148 2.03 -14.34 -6.43
C ARG A 148 3.53 -14.17 -6.17
N ASP A 149 3.93 -13.05 -5.59
CA ASP A 149 5.34 -12.69 -5.46
C ASP A 149 6.07 -12.76 -6.80
N TRP A 150 5.41 -12.30 -7.87
CA TRP A 150 5.99 -12.42 -9.22
C TRP A 150 6.39 -11.11 -9.90
N ALA A 151 6.79 -10.10 -9.12
CA ALA A 151 7.10 -8.79 -9.68
C ALA A 151 8.29 -8.75 -10.64
N ASN A 152 9.16 -9.74 -10.60
CA ASN A 152 10.28 -9.79 -11.54
C ASN A 152 10.20 -10.98 -12.52
N LEU A 153 9.02 -11.57 -12.62
CA LEU A 153 8.85 -12.75 -13.47
C LEU A 153 9.31 -12.42 -14.87
N GLY A 154 10.12 -13.30 -15.46
CA GLY A 154 10.54 -13.18 -16.85
C GLY A 154 11.80 -12.37 -17.11
N LYS A 155 12.24 -11.61 -16.12
CA LYS A 155 13.43 -10.79 -16.25
C LYS A 155 14.72 -11.61 -16.19
N SER A 156 15.76 -11.17 -16.89
CA SER A 156 17.08 -11.79 -16.70
C SER A 156 17.52 -11.49 -15.28
N GLN A 157 18.49 -12.22 -14.78
CA GLN A 157 18.98 -11.92 -13.45
C GLN A 157 19.54 -10.50 -13.46
N HIS A 158 20.20 -10.13 -14.55
CA HIS A 158 20.71 -8.77 -14.77
C HIS A 158 19.61 -7.71 -14.65
N GLU A 159 18.46 -7.94 -15.29
CA GLU A 159 17.41 -6.93 -15.30
C GLU A 159 16.77 -6.84 -13.92
N ALA A 160 16.65 -7.98 -13.27
CA ALA A 160 16.02 -8.04 -11.96
C ALA A 160 16.84 -7.28 -10.93
N LEU A 161 18.14 -7.51 -10.91
CA LEU A 161 19.02 -6.80 -9.99
C LEU A 161 19.05 -5.33 -10.32
N ALA A 162 18.88 -4.98 -11.59
CA ALA A 162 18.84 -3.59 -11.99
C ALA A 162 17.57 -2.93 -11.45
N ASP A 163 16.46 -3.65 -11.51
CA ASP A 163 15.21 -3.13 -10.94
C ASP A 163 15.39 -2.92 -9.43
N GLU A 164 15.93 -3.93 -8.76
CA GLU A 164 16.23 -3.87 -7.33
C GLU A 164 17.06 -2.65 -6.96
N ARG A 165 18.20 -2.46 -7.64
CA ARG A 165 19.06 -1.32 -7.32
C ARG A 165 18.35 0.02 -7.50
N HIS A 166 17.57 0.15 -8.57
N HIS A 166 17.59 0.15 -8.58
CA HIS A 166 16.89 1.41 -8.87
CA HIS A 166 16.91 1.39 -8.88
C HIS A 166 15.82 1.70 -7.84
C HIS A 166 15.82 1.68 -7.86
N ARG A 167 15.04 0.69 -7.47
CA ARG A 167 14.01 0.88 -6.45
C ARG A 167 14.57 1.16 -5.08
N LEU A 168 15.63 0.48 -4.68
CA LEU A 168 16.12 0.65 -3.31
C LEU A 168 16.63 2.06 -3.19
N HIS A 169 17.37 2.49 -4.21
CA HIS A 169 17.95 3.83 -4.22
C HIS A 169 16.86 4.89 -4.24
N ALA A 170 15.80 4.64 -5.01
CA ALA A 170 14.71 5.61 -5.15
C ALA A 170 14.00 5.84 -3.84
N ALA A 171 14.14 4.90 -2.91
CA ALA A 171 13.42 4.99 -1.64
C ALA A 171 14.12 5.92 -0.61
N LEU A 172 15.40 6.19 -0.83
CA LEU A 172 16.18 6.99 0.12
C LEU A 172 15.59 8.38 0.24
N HIS A 173 15.36 8.82 1.47
CA HIS A 173 14.75 10.12 1.77
C HIS A 173 13.35 10.27 1.22
N LYS A 174 12.69 9.17 0.91
CA LYS A 174 11.32 9.21 0.45
C LYS A 174 10.41 8.59 1.50
N THR A 175 9.12 8.89 1.43
CA THR A 175 8.17 8.30 2.35
C THR A 175 7.75 6.98 1.74
N VAL A 176 7.81 5.90 2.52
CA VAL A 176 7.37 4.60 2.02
C VAL A 176 6.36 3.94 2.96
N TYR A 177 5.56 3.04 2.42
CA TYR A 177 4.63 2.21 3.21
C TYR A 177 5.12 0.77 3.21
N ILE A 178 5.42 0.24 4.39
CA ILE A 178 5.84 -1.15 4.52
C ILE A 178 4.82 -1.94 5.30
N ALA A 179 4.40 -3.08 4.77
CA ALA A 179 3.29 -3.83 5.35
C ALA A 179 3.47 -5.34 5.24
N PRO A 180 3.10 -6.06 6.30
CA PRO A 180 2.97 -7.50 6.18
C PRO A 180 1.73 -7.83 5.36
N LEU A 181 1.74 -8.97 4.70
CA LEU A 181 0.57 -9.44 3.97
C LEU A 181 -0.37 -10.17 4.90
N GLY A 182 -1.65 -10.00 4.69
CA GLY A 182 -2.63 -10.63 5.53
C GLY A 182 -3.64 -11.44 4.74
N LYS A 183 -4.90 -11.06 4.90
CA LYS A 183 -5.99 -11.72 4.21
C LYS A 183 -5.78 -11.59 2.71
N HIS A 184 -5.69 -12.74 2.05
CA HIS A 184 -5.70 -12.84 0.59
C HIS A 184 -4.49 -12.18 -0.07
N LYS A 185 -3.37 -12.19 0.65
CA LYS A 185 -2.09 -11.72 0.15
C LYS A 185 -2.13 -10.24 -0.23
N LEU A 186 -2.86 -9.47 0.58
CA LEU A 186 -2.90 -8.03 0.43
C LEU A 186 -2.45 -7.38 1.74
N PRO A 187 -1.93 -6.15 1.64
CA PRO A 187 -1.40 -5.41 2.77
C PRO A 187 -2.42 -5.24 3.88
N GLU A 188 -1.89 -5.32 5.10
CA GLU A 188 -2.69 -5.27 6.30
C GLU A 188 -1.86 -4.54 7.34
N GLY A 189 -2.30 -3.34 7.70
CA GLY A 189 -1.61 -2.59 8.74
C GLY A 189 -0.27 -2.12 8.25
N GLY A 190 0.78 -2.37 9.04
CA GLY A 190 2.14 -1.99 8.65
C GLY A 190 2.55 -0.65 9.21
N GLU A 191 3.39 0.07 8.48
CA GLU A 191 3.90 1.35 8.96
C GLU A 191 4.32 2.24 7.82
N VAL A 192 4.43 3.53 8.12
CA VAL A 192 4.84 4.53 7.15
C VAL A 192 6.05 5.25 7.70
N ARG A 193 7.10 5.40 6.90
CA ARG A 193 8.29 6.10 7.36
C ARG A 193 9.00 6.79 6.22
N ARG A 194 9.78 7.83 6.58
CA ARG A 194 10.69 8.49 5.67
C ARG A 194 12.03 7.80 5.84
N VAL A 195 12.51 7.17 4.77
CA VAL A 195 13.67 6.31 4.84
C VAL A 195 14.99 7.06 4.92
N GLN A 196 15.82 6.72 5.89
CA GLN A 196 17.08 7.41 6.08
C GLN A 196 18.25 6.55 5.60
N LYS A 197 17.99 5.26 5.37
CA LYS A 197 19.06 4.33 5.05
C LYS A 197 18.59 3.21 4.15
N VAL A 198 19.40 2.91 3.14
CA VAL A 198 19.09 1.88 2.18
C VAL A 198 20.32 1.00 2.00
N GLN A 199 20.12 -0.31 2.06
CA GLN A 199 21.17 -1.28 1.82
C GLN A 199 20.69 -2.48 1.02
N THR A 200 21.59 -3.07 0.26
CA THR A 200 21.29 -4.32 -0.41
C THR A 200 21.57 -5.47 0.54
N GLU A 201 21.11 -6.66 0.17
CA GLU A 201 21.39 -7.82 0.98
C GLU A 201 22.86 -8.16 0.88
N GLN A 202 23.47 -7.84 -0.24
CA GLN A 202 24.91 -8.01 -0.35
C GLN A 202 25.65 -7.28 0.77
N GLU A 203 25.32 -6.01 0.95
CA GLU A 203 25.88 -5.20 2.02
C GLU A 203 25.62 -5.82 3.37
N VAL A 204 24.39 -6.24 3.61
CA VAL A 204 24.05 -6.81 4.91
C VAL A 204 24.77 -8.11 5.15
N ALA A 205 24.96 -8.90 4.10
CA ALA A 205 25.64 -10.18 4.26
C ALA A 205 27.13 -9.96 4.58
N GLU A 206 27.78 -9.11 3.77
CA GLU A 206 29.19 -8.80 3.96
C GLU A 206 29.44 -8.17 5.32
N ALA A 207 28.45 -7.43 5.82
CA ALA A 207 28.57 -6.83 7.14
C ALA A 207 28.51 -7.88 8.24
N ALA A 208 27.90 -9.03 7.93
CA ALA A 208 27.74 -10.09 8.91
C ALA A 208 28.87 -11.13 8.81
N GLY A 209 29.83 -10.89 7.94
CA GLY A 209 30.94 -11.82 7.76
C GLY A 209 30.66 -12.96 6.80
N MET A 210 29.69 -12.78 5.90
CA MET A 210 29.33 -13.82 4.94
C MET A 210 29.63 -13.39 3.51
N ARG A 211 30.05 -14.36 2.71
CA ARG A 211 30.19 -14.15 1.28
C ARG A 211 28.80 -14.22 0.66
N TYR A 212 28.58 -13.49 -0.44
CA TYR A 212 27.25 -13.36 -0.99
C TYR A 212 27.17 -13.93 -2.36
N PHE A 213 26.20 -14.79 -2.58
CA PHE A 213 25.93 -15.26 -3.93
C PHE A 213 24.45 -15.26 -4.21
N ARG A 214 24.08 -14.62 -5.32
CA ARG A 214 22.70 -14.43 -5.72
C ARG A 214 22.27 -15.32 -6.85
N ILE A 215 21.22 -16.10 -6.63
CA ILE A 215 20.51 -16.80 -7.70
C ILE A 215 19.06 -16.32 -7.77
N ALA A 216 18.71 -15.63 -8.84
CA ALA A 216 17.39 -14.99 -8.94
C ALA A 216 16.29 -15.96 -9.35
N ALA A 217 15.78 -16.73 -8.37
CA ALA A 217 14.76 -17.76 -8.64
C ALA A 217 13.35 -17.28 -8.34
N THR A 218 12.44 -17.56 -9.26
CA THR A 218 11.07 -17.14 -9.13
C THR A 218 10.36 -17.93 -8.03
N ASP A 219 9.61 -17.23 -7.17
CA ASP A 219 8.81 -17.85 -6.10
C ASP A 219 7.80 -18.84 -6.69
N HIS A 220 7.62 -19.98 -6.00
CA HIS A 220 6.54 -20.95 -6.28
C HIS A 220 6.89 -21.96 -7.34
N VAL A 221 7.89 -21.67 -8.18
CA VAL A 221 8.15 -22.53 -9.32
C VAL A 221 9.52 -23.19 -9.29
N TRP A 222 9.71 -24.17 -10.17
CA TRP A 222 10.98 -24.85 -10.32
C TRP A 222 12.02 -23.89 -10.92
N PRO A 223 13.21 -23.83 -10.34
CA PRO A 223 14.22 -22.91 -10.86
C PRO A 223 14.49 -23.12 -12.34
N THR A 224 14.73 -22.03 -13.06
CA THR A 224 14.96 -22.11 -14.49
C THR A 224 16.27 -22.81 -14.80
N PRO A 225 16.43 -23.27 -16.05
CA PRO A 225 17.72 -23.88 -16.37
C PRO A 225 18.85 -22.86 -16.18
N GLU A 226 18.54 -21.58 -16.37
CA GLU A 226 19.50 -20.51 -16.18
C GLU A 226 19.95 -20.42 -14.74
N ASN A 227 18.99 -20.42 -13.83
CA ASN A 227 19.26 -20.47 -12.40
C ASN A 227 20.17 -21.62 -12.02
N ILE A 228 19.80 -22.82 -12.47
CA ILE A 228 20.54 -24.02 -12.13
C ILE A 228 21.95 -24.03 -12.74
N ASP A 229 22.09 -23.58 -13.98
CA ASP A 229 23.43 -23.48 -14.57
C ASP A 229 24.35 -22.57 -13.75
N ARG A 230 23.81 -21.46 -13.28
CA ARG A 230 24.61 -20.51 -12.51
C ARG A 230 25.02 -21.17 -11.20
N PHE A 231 24.07 -21.83 -10.56
CA PHE A 231 24.39 -22.54 -9.32
C PHE A 231 25.44 -23.64 -9.52
N LEU A 232 25.34 -24.41 -10.61
CA LEU A 232 26.32 -25.50 -10.82
C LEU A 232 27.75 -24.94 -11.06
N ALA A 233 27.86 -23.89 -11.87
CA ALA A 233 29.15 -23.28 -12.09
C ALA A 233 29.70 -22.72 -10.77
N PHE A 234 28.80 -22.21 -9.93
CA PHE A 234 29.17 -21.69 -8.61
C PHE A 234 29.64 -22.80 -7.70
N TYR A 235 28.90 -23.90 -7.72
CA TYR A 235 29.22 -25.03 -6.87
C TYR A 235 30.59 -25.59 -7.19
N ARG A 236 30.94 -25.54 -8.47
N ARG A 236 30.95 -25.61 -8.47
CA ARG A 236 32.16 -26.14 -8.97
CA ARG A 236 32.20 -26.19 -8.92
C ARG A 236 33.41 -25.34 -8.59
C ARG A 236 33.42 -25.37 -8.51
N THR A 237 33.21 -24.12 -8.10
CA THR A 237 34.34 -23.25 -7.72
C THR A 237 34.52 -23.12 -6.21
N LEU A 238 33.69 -23.81 -5.45
CA LEU A 238 33.74 -23.71 -4.00
C LEU A 238 34.94 -24.44 -3.40
N PRO A 239 35.54 -23.84 -2.36
CA PRO A 239 36.51 -24.57 -1.55
C PRO A 239 35.83 -25.67 -0.80
N GLN A 240 36.59 -26.68 -0.44
CA GLN A 240 36.03 -27.88 0.12
C GLN A 240 35.32 -27.62 1.43
N ASP A 241 35.72 -26.59 2.16
CA ASP A 241 35.11 -26.33 3.47
C ASP A 241 34.07 -25.22 3.47
N ALA A 242 33.63 -24.81 2.28
CA ALA A 242 32.59 -23.79 2.15
C ALA A 242 31.30 -24.24 2.79
N TRP A 243 30.62 -23.34 3.47
CA TRP A 243 29.31 -23.65 4.05
C TRP A 243 28.28 -22.80 3.33
N LEU A 244 27.28 -23.44 2.75
CA LEU A 244 26.28 -22.71 1.99
C LEU A 244 25.03 -22.47 2.80
N HIS A 245 24.72 -21.22 3.11
CA HIS A 245 23.45 -20.92 3.75
C HIS A 245 22.45 -20.39 2.73
N PHE A 246 21.55 -21.26 2.28
CA PHE A 246 20.55 -20.86 1.30
C PHE A 246 19.41 -20.17 1.98
N HIS A 247 18.77 -19.23 1.31
CA HIS A 247 17.57 -18.66 1.89
C HIS A 247 16.69 -18.05 0.81
N SER A 248 15.39 -17.99 1.09
CA SER A 248 14.41 -17.44 0.17
C SER A 248 13.45 -16.63 1.04
N GLU A 249 12.17 -16.48 0.67
CA GLU A 249 11.28 -15.66 1.49
C GLU A 249 10.91 -16.41 2.76
N ALA A 250 10.36 -17.61 2.60
CA ALA A 250 9.93 -18.37 3.74
C ALA A 250 10.92 -19.47 4.09
N GLY A 251 11.82 -19.77 3.18
CA GLY A 251 12.78 -20.83 3.42
C GLY A 251 12.17 -22.19 3.29
N VAL A 252 11.17 -22.31 2.44
CA VAL A 252 10.53 -23.60 2.20
C VAL A 252 10.77 -24.06 0.78
N GLY A 253 10.11 -23.43 -0.19
CA GLY A 253 10.10 -23.91 -1.57
C GLY A 253 11.44 -23.86 -2.28
N ARG A 254 11.95 -22.67 -2.51
CA ARG A 254 13.18 -22.54 -3.26
C ARG A 254 14.36 -23.05 -2.44
N THR A 255 14.37 -22.71 -1.16
CA THR A 255 15.46 -23.10 -0.28
C THR A 255 15.70 -24.62 -0.27
N THR A 256 14.63 -25.38 -0.04
CA THR A 256 14.74 -26.82 -0.02
C THR A 256 15.20 -27.40 -1.36
N ALA A 257 14.73 -26.81 -2.45
CA ALA A 257 15.12 -27.28 -3.77
C ALA A 257 16.62 -27.20 -4.00
N PHE A 258 17.25 -26.13 -3.54
CA PHE A 258 18.70 -26.01 -3.70
C PHE A 258 19.46 -26.79 -2.63
N MET A 259 18.91 -26.94 -1.43
CA MET A 259 19.52 -27.86 -0.45
C MET A 259 19.52 -29.29 -0.98
N VAL A 260 18.40 -29.71 -1.58
CA VAL A 260 18.30 -31.04 -2.16
C VAL A 260 19.26 -31.23 -3.32
N MET A 261 19.29 -30.26 -4.24
CA MET A 261 20.24 -30.30 -5.36
C MET A 261 21.67 -30.43 -4.85
N THR A 262 22.01 -29.69 -3.80
CA THR A 262 23.38 -29.70 -3.29
C THR A 262 23.69 -31.06 -2.72
N ASP A 263 22.73 -31.61 -1.99
CA ASP A 263 22.89 -32.92 -1.38
C ASP A 263 23.15 -33.98 -2.44
N MET A 264 22.56 -33.83 -3.62
CA MET A 264 22.66 -34.83 -4.68
C MET A 264 24.00 -34.73 -5.38
N LEU A 265 24.45 -33.51 -5.62
CA LEU A 265 25.73 -33.26 -6.26
C LEU A 265 26.91 -33.75 -5.43
N LYS A 266 26.81 -33.59 -4.13
CA LYS A 266 27.92 -33.89 -3.23
C LYS A 266 27.83 -35.31 -2.64
N ASN A 267 26.65 -35.91 -2.67
CA ASN A 267 26.47 -37.27 -2.18
C ASN A 267 25.76 -38.14 -3.24
N PRO A 268 26.34 -38.25 -4.44
CA PRO A 268 25.73 -38.86 -5.62
C PRO A 268 25.36 -40.34 -5.46
N SER A 269 25.98 -41.01 -4.49
CA SER A 269 25.74 -42.42 -4.28
C SER A 269 24.54 -42.66 -3.36
N VAL A 270 23.98 -41.60 -2.79
CA VAL A 270 22.83 -41.70 -1.90
C VAL A 270 21.55 -41.79 -2.72
N SER A 271 20.56 -42.53 -2.23
CA SER A 271 19.33 -42.76 -3.00
C SER A 271 18.45 -41.50 -3.03
N LEU A 272 17.74 -41.35 -4.14
CA LEU A 272 16.79 -40.26 -4.29
C LEU A 272 15.91 -40.19 -3.07
N LYS A 273 15.39 -41.35 -2.67
CA LYS A 273 14.48 -41.43 -1.53
C LYS A 273 15.11 -40.90 -0.25
N ASP A 274 16.32 -41.33 0.07
CA ASP A 274 16.99 -40.88 1.29
C ASP A 274 17.20 -39.38 1.31
N ILE A 275 17.77 -38.86 0.23
CA ILE A 275 17.98 -37.43 0.10
C ILE A 275 16.69 -36.69 0.44
N LEU A 276 15.61 -37.06 -0.23
CA LEU A 276 14.36 -36.33 -0.13
C LEU A 276 13.79 -36.44 1.24
N TYR A 277 13.85 -37.65 1.78
CA TYR A 277 13.42 -37.88 3.16
C TYR A 277 14.26 -37.06 4.15
N ARG A 278 15.57 -37.10 4.04
CA ARG A 278 16.40 -36.42 5.05
C ARG A 278 16.32 -34.89 4.96
N GLN A 279 16.20 -34.35 3.75
CA GLN A 279 16.06 -32.89 3.59
C GLN A 279 14.72 -32.38 4.11
N HIS A 280 13.73 -33.27 4.13
CA HIS A 280 12.43 -32.90 4.70
C HIS A 280 12.46 -33.01 6.22
N GLU A 281 13.05 -34.09 6.70
CA GLU A 281 13.05 -34.36 8.11
C GLU A 281 13.99 -33.47 8.97
N ILE A 282 14.92 -32.75 8.35
CA ILE A 282 15.66 -31.70 9.08
C ILE A 282 14.92 -30.36 9.10
N GLY A 283 13.78 -30.28 8.39
CA GLY A 283 12.95 -29.06 8.41
C GLY A 283 12.64 -28.46 7.07
N GLY A 284 12.83 -29.23 6.02
CA GLY A 284 12.60 -28.75 4.66
C GLY A 284 11.25 -29.19 4.09
N PHE A 285 11.05 -28.87 2.83
CA PHE A 285 9.87 -29.35 2.10
C PHE A 285 10.17 -30.77 1.65
N TYR A 286 9.14 -31.59 1.47
CA TYR A 286 9.34 -32.93 0.88
C TYR A 286 9.11 -32.86 -0.61
N TYR A 287 10.15 -33.16 -1.39
CA TYR A 287 10.06 -32.99 -2.85
C TYR A 287 9.81 -34.26 -3.65
N GLY A 288 9.25 -35.26 -2.97
CA GLY A 288 8.75 -36.46 -3.62
C GLY A 288 7.28 -36.33 -3.95
N GLU A 289 6.72 -37.40 -4.49
CA GLU A 289 5.30 -37.49 -4.76
C GLU A 289 4.49 -37.54 -3.49
N PHE A 290 3.42 -36.76 -3.43
CA PHE A 290 2.52 -36.77 -2.27
C PHE A 290 1.13 -36.32 -2.68
N PRO A 291 0.11 -36.68 -1.88
CA PRO A 291 -1.23 -36.27 -2.31
C PRO A 291 -1.39 -34.77 -2.16
N ILE A 292 -1.24 -34.05 -3.25
CA ILE A 292 -1.49 -32.61 -3.23
C ILE A 292 -2.93 -32.27 -2.84
N LYS A 293 -3.08 -31.50 -1.78
CA LYS A 293 -4.40 -31.00 -1.37
C LYS A 293 -4.37 -29.47 -1.31
N THR A 294 -4.88 -28.84 -2.37
CA THR A 294 -4.89 -27.37 -2.43
C THR A 294 -6.24 -26.79 -2.05
N LYS A 295 -6.25 -25.49 -1.78
CA LYS A 295 -7.49 -24.77 -1.63
C LYS A 295 -7.96 -24.36 -3.04
N ASP A 296 -9.07 -23.66 -3.11
CA ASP A 296 -9.58 -23.19 -4.40
C ASP A 296 -8.73 -22.06 -4.94
N LYS A 297 -8.57 -21.02 -4.12
CA LYS A 297 -7.78 -19.86 -4.50
C LYS A 297 -6.30 -20.20 -4.73
N ASP A 298 -5.93 -21.45 -4.46
CA ASP A 298 -4.54 -21.90 -4.60
C ASP A 298 -4.39 -23.06 -5.59
N SER A 299 -5.36 -23.24 -6.48
CA SER A 299 -5.30 -24.35 -7.44
C SER A 299 -4.32 -24.05 -8.57
N TRP A 300 -4.00 -22.77 -8.75
CA TRP A 300 -2.94 -22.41 -9.69
C TRP A 300 -1.58 -23.05 -9.32
N LYS A 301 -1.33 -23.29 -8.02
CA LYS A 301 -0.16 -24.00 -7.47
C LYS A 301 0.05 -25.38 -8.02
N THR A 302 -1.06 -26.09 -8.16
CA THR A 302 -1.06 -27.54 -8.31
C THR A 302 -0.08 -28.03 -9.36
N LYS A 303 -0.14 -27.48 -10.57
CA LYS A 303 0.71 -28.00 -11.65
C LYS A 303 2.19 -27.64 -11.41
N TYR A 304 2.43 -26.66 -10.56
CA TYR A 304 3.79 -26.23 -10.28
C TYR A 304 4.42 -27.17 -9.27
N TYR A 305 3.61 -27.69 -8.34
CA TYR A 305 4.04 -28.74 -7.44
C TYR A 305 4.41 -29.96 -8.24
N ARG A 306 3.57 -30.32 -9.21
CA ARG A 306 3.77 -31.54 -10.00
C ARG A 306 5.01 -31.40 -10.86
N GLU A 307 5.18 -30.22 -11.43
CA GLU A 307 6.36 -29.94 -12.24
C GLU A 307 7.64 -30.15 -11.40
N LYS A 308 7.62 -29.70 -10.15
CA LYS A 308 8.83 -29.78 -9.33
C LYS A 308 9.23 -31.21 -9.01
N ILE A 309 8.26 -32.02 -8.66
CA ILE A 309 8.48 -33.42 -8.38
C ILE A 309 9.14 -34.10 -9.57
N VAL A 310 8.67 -33.79 -10.77
CA VAL A 310 9.26 -34.34 -11.98
C VAL A 310 10.68 -33.83 -12.23
N MET A 311 10.90 -32.53 -12.05
CA MET A 311 12.21 -31.94 -12.32
C MET A 311 13.23 -32.34 -11.24
N ILE A 312 12.76 -32.64 -10.04
CA ILE A 312 13.65 -33.14 -8.99
C ILE A 312 14.23 -34.49 -9.43
N GLU A 313 13.36 -35.37 -9.92
CA GLU A 313 13.79 -36.68 -10.38
C GLU A 313 14.72 -36.52 -11.55
N GLN A 314 14.40 -35.59 -12.43
CA GLN A 314 15.19 -35.37 -13.61
C GLN A 314 16.58 -34.86 -13.24
N PHE A 315 16.66 -33.99 -12.22
CA PHE A 315 17.98 -33.48 -11.82
C PHE A 315 18.86 -34.63 -11.31
N TYR A 316 18.26 -35.49 -10.49
CA TYR A 316 18.94 -36.69 -9.99
C TYR A 316 19.52 -37.48 -11.13
N ARG A 317 18.78 -37.55 -12.23
CA ARG A 317 19.18 -38.32 -13.39
C ARG A 317 20.34 -37.61 -14.05
N TYR A 318 20.31 -36.29 -14.02
CA TYR A 318 21.41 -35.52 -14.56
C TYR A 318 22.67 -35.77 -13.72
N VAL A 319 22.52 -35.84 -12.41
CA VAL A 319 23.64 -36.05 -11.52
C VAL A 319 24.28 -37.41 -11.83
N GLN A 320 23.48 -38.47 -11.72
CA GLN A 320 23.95 -39.83 -11.98
C GLN A 320 24.67 -39.99 -13.32
N GLU A 321 24.23 -39.29 -14.34
CA GLU A 321 24.71 -39.52 -15.69
C GLU A 321 25.85 -38.58 -16.06
N ASN A 322 26.20 -37.71 -15.13
CA ASN A 322 27.25 -36.73 -15.38
C ASN A 322 28.21 -36.62 -14.22
N ARG A 323 27.99 -37.38 -13.14
CA ARG A 323 28.92 -37.37 -12.01
C ARG A 323 30.28 -37.89 -12.47
N ALA A 324 30.27 -38.73 -13.50
CA ALA A 324 31.46 -39.45 -13.96
C ALA A 324 32.40 -38.63 -14.84
N ASP A 325 31.86 -37.92 -15.82
CA ASP A 325 32.71 -37.12 -16.69
C ASP A 325 32.99 -35.75 -16.06
N GLY A 326 32.66 -35.61 -14.78
CA GLY A 326 32.95 -34.38 -14.05
C GLY A 326 32.04 -33.20 -14.37
N TYR A 327 30.78 -33.50 -14.69
CA TYR A 327 29.76 -32.46 -14.96
C TYR A 327 30.15 -31.58 -16.13
N GLN A 328 30.77 -32.21 -17.13
CA GLN A 328 31.25 -31.53 -18.29
C GLN A 328 30.07 -30.73 -18.73
N THR A 329 28.96 -31.45 -18.90
CA THR A 329 27.76 -31.00 -19.59
C THR A 329 26.81 -30.11 -18.77
N PRO A 330 26.53 -28.90 -19.26
CA PRO A 330 25.65 -28.02 -18.47
C PRO A 330 24.21 -28.51 -18.44
N TRP A 331 23.59 -28.41 -17.26
CA TRP A 331 22.20 -28.81 -17.03
C TRP A 331 21.29 -28.35 -18.15
N SER A 332 21.43 -27.11 -18.57
CA SER A 332 20.50 -26.59 -19.55
C SER A 332 20.57 -27.33 -20.89
N VAL A 333 21.76 -27.72 -21.33
CA VAL A 333 21.88 -28.41 -22.61
C VAL A 333 21.41 -29.87 -22.49
N TRP A 334 21.88 -30.55 -21.48
CA TRP A 334 21.42 -31.89 -21.18
C TRP A 334 19.89 -31.96 -21.18
N LEU A 335 19.26 -31.13 -20.35
CA LEU A 335 17.81 -31.08 -20.24
C LEU A 335 17.11 -30.88 -21.59
N LYS A 336 17.70 -30.10 -22.49
CA LYS A 336 17.13 -29.92 -23.83
C LYS A 336 17.15 -31.20 -24.70
N SER A 337 18.19 -32.02 -24.56
CA SER A 337 18.23 -33.34 -25.20
C SER A 337 17.52 -34.40 -24.36
N HIS A 338 17.45 -34.23 -23.07
CA HIS A 338 16.78 -35.24 -22.32
C HIS A 338 15.60 -34.59 -21.62
N PRO A 339 14.63 -34.13 -22.40
CA PRO A 339 13.52 -33.42 -21.75
C PRO A 339 12.76 -34.34 -20.80
N ALA A 340 12.26 -33.78 -19.69
CA ALA A 340 11.46 -34.55 -18.72
C ALA A 340 10.03 -34.61 -19.25
N LYS A 341 9.24 -35.53 -18.71
CA LYS A 341 7.87 -35.72 -19.22
C LYS A 341 6.81 -35.53 -18.12
N ALA A 342 5.64 -35.05 -18.51
CA ALA A 342 4.56 -34.75 -17.56
C ALA A 342 3.86 -36.03 -17.09
N THR B 30 5.84 39.54 16.84
CA THR B 30 5.80 38.66 18.05
C THR B 30 4.98 37.36 17.85
N VAL B 31 3.96 37.35 17.00
CA VAL B 31 3.15 36.13 16.81
C VAL B 31 3.44 35.36 15.50
N THR B 32 3.89 34.12 15.63
CA THR B 32 4.34 33.31 14.49
C THR B 32 3.21 32.79 13.59
N GLU B 33 2.18 32.22 14.21
CA GLU B 33 1.00 31.77 13.48
C GLU B 33 -0.29 32.30 14.17
N PRO B 34 -0.98 33.25 13.51
CA PRO B 34 -2.19 33.77 14.12
C PRO B 34 -3.25 32.69 14.20
N VAL B 35 -4.25 32.89 15.05
CA VAL B 35 -5.38 31.96 15.17
C VAL B 35 -6.09 31.86 13.82
N GLY B 36 -6.33 30.64 13.36
CA GLY B 36 -6.93 30.44 12.04
C GLY B 36 -5.91 29.89 11.07
N SER B 37 -4.65 29.85 11.51
CA SER B 37 -3.54 29.45 10.67
C SER B 37 -2.62 28.47 11.41
N TYR B 38 -3.17 27.74 12.37
CA TYR B 38 -2.37 26.86 13.23
C TYR B 38 -1.68 25.76 12.42
N ALA B 39 -2.36 25.30 11.36
CA ALA B 39 -1.88 24.19 10.56
C ALA B 39 -0.56 24.52 9.87
N ARG B 40 -0.27 25.81 9.73
CA ARG B 40 0.95 26.26 9.09
C ARG B 40 2.19 25.86 9.90
N ALA B 41 2.00 25.56 11.18
CA ALA B 41 3.11 25.15 12.02
C ALA B 41 3.50 23.68 11.84
N GLU B 42 2.62 22.88 11.24
CA GLU B 42 2.90 21.46 11.02
C GLU B 42 3.87 21.32 9.87
N ARG B 43 4.62 20.21 9.81
CA ARG B 43 5.62 20.01 8.75
C ARG B 43 5.14 19.08 7.63
N PRO B 44 4.97 19.60 6.40
CA PRO B 44 4.39 18.80 5.33
C PRO B 44 5.18 17.55 5.00
N GLN B 45 6.49 17.62 5.17
CA GLN B 45 7.36 16.50 4.84
C GLN B 45 7.07 15.30 5.75
N ASP B 46 6.37 15.53 6.87
CA ASP B 46 6.01 14.41 7.75
C ASP B 46 4.69 13.73 7.39
N PHE B 47 4.05 14.13 6.29
CA PHE B 47 2.72 13.62 5.93
C PHE B 47 2.58 13.27 4.45
N GLU B 48 3.69 12.93 3.79
CA GLU B 48 3.64 12.74 2.35
C GLU B 48 2.75 11.52 1.99
N GLY B 49 2.13 11.56 0.83
CA GLY B 49 1.21 10.49 0.42
C GLY B 49 1.93 9.18 0.23
N PHE B 50 1.29 8.09 0.61
CA PHE B 50 1.85 6.76 0.38
C PHE B 50 0.91 5.68 -0.21
N VAL B 51 -0.38 5.98 -0.36
CA VAL B 51 -1.29 5.01 -0.96
C VAL B 51 -2.48 5.65 -1.65
N TRP B 52 -2.98 5.00 -2.72
CA TRP B 52 -4.29 5.37 -3.28
C TRP B 52 -5.37 4.83 -2.38
N ARG B 53 -6.07 5.75 -1.74
CA ARG B 53 -7.14 5.42 -0.83
C ARG B 53 -8.47 5.39 -1.56
N LEU B 54 -9.28 4.39 -1.25
CA LEU B 54 -10.60 4.26 -1.84
C LEU B 54 -11.53 5.23 -1.12
N ASP B 55 -12.10 6.17 -1.87
CA ASP B 55 -12.90 7.25 -1.30
C ASP B 55 -14.37 6.84 -1.14
N ASN B 56 -14.85 5.93 -1.99
CA ASN B 56 -16.20 5.39 -1.85
C ASN B 56 -16.30 4.03 -2.52
N ASP B 57 -16.87 3.04 -1.84
CA ASP B 57 -16.93 1.66 -2.38
C ASP B 57 -17.98 1.51 -3.47
N GLY B 58 -18.79 2.53 -3.65
CA GLY B 58 -19.76 2.53 -4.73
C GLY B 58 -20.95 1.61 -4.52
N LYS B 59 -21.17 1.17 -3.28
CA LYS B 59 -22.24 0.22 -2.99
C LYS B 59 -23.63 0.85 -2.95
N GLU B 60 -23.72 2.04 -2.37
CA GLU B 60 -24.99 2.77 -2.28
C GLU B 60 -25.29 3.59 -3.52
N ALA B 61 -26.54 4.01 -3.67
CA ALA B 61 -26.97 4.80 -4.82
C ALA B 61 -26.44 6.24 -4.76
N LEU B 62 -26.27 6.73 -3.55
CA LEU B 62 -25.84 8.09 -3.27
C LEU B 62 -24.61 8.10 -2.35
N PRO B 63 -23.86 9.20 -2.36
CA PRO B 63 -22.77 9.39 -1.42
C PRO B 63 -23.26 9.43 0.01
N ARG B 64 -22.35 9.34 0.97
CA ARG B 64 -22.71 9.37 2.38
C ARG B 64 -22.98 10.80 2.79
N ASN B 65 -23.73 10.94 3.87
CA ASN B 65 -24.10 12.23 4.43
C ASN B 65 -24.71 13.20 3.45
N PHE B 66 -25.46 12.69 2.48
CA PHE B 66 -26.08 13.59 1.51
C PHE B 66 -27.19 14.39 2.18
N ARG B 67 -27.20 15.69 1.95
CA ARG B 67 -28.23 16.55 2.53
C ARG B 67 -28.45 17.78 1.70
N THR B 68 -29.66 18.34 1.78
CA THR B 68 -29.95 19.60 1.12
C THR B 68 -30.55 20.61 2.09
N SER B 69 -30.48 21.88 1.74
CA SER B 69 -31.01 22.95 2.58
C SER B 69 -32.53 22.98 2.61
N ALA B 70 -33.17 22.12 1.83
CA ALA B 70 -34.61 22.02 1.83
C ALA B 70 -35.07 20.94 2.81
N ASP B 71 -34.12 20.20 3.36
CA ASP B 71 -34.43 19.04 4.16
C ASP B 71 -35.04 19.46 5.50
N ALA B 72 -35.80 18.54 6.08
CA ALA B 72 -36.42 18.72 7.40
C ALA B 72 -35.39 18.57 8.51
N LEU B 73 -35.53 19.42 9.53
CA LEU B 73 -34.62 19.40 10.67
C LEU B 73 -34.89 18.22 11.57
N ARG B 74 -33.83 17.58 12.02
CA ARG B 74 -33.97 16.47 12.93
C ARG B 74 -33.23 16.79 14.24
N ALA B 75 -33.27 15.86 15.17
CA ALA B 75 -32.69 16.10 16.49
C ALA B 75 -31.17 16.22 16.40
N PRO B 76 -30.59 17.10 17.23
CA PRO B 76 -29.14 17.20 17.34
C PRO B 76 -28.50 15.89 17.78
N GLU B 77 -27.27 15.65 17.33
CA GLU B 77 -26.52 14.49 17.80
C GLU B 77 -26.16 14.73 19.27
N LYS B 78 -26.20 13.67 20.07
CA LYS B 78 -25.92 13.76 21.51
C LYS B 78 -24.57 14.42 21.84
N LYS B 79 -23.54 14.08 21.08
CA LYS B 79 -22.18 14.48 21.44
C LYS B 79 -22.03 15.99 21.49
N PHE B 80 -22.94 16.73 20.87
CA PHE B 80 -22.81 18.19 20.86
C PHE B 80 -23.50 18.86 22.05
N HIS B 81 -24.34 18.13 22.78
CA HIS B 81 -24.94 18.65 24.00
C HIS B 81 -25.68 19.93 23.71
N LEU B 82 -26.59 19.85 22.77
CA LEU B 82 -27.38 21.00 22.37
C LEU B 82 -28.78 20.89 22.96
N ASP B 83 -29.53 22.00 22.90
CA ASP B 83 -30.92 22.03 23.31
C ASP B 83 -31.83 21.36 22.28
N ALA B 84 -32.28 20.14 22.57
CA ALA B 84 -33.07 19.36 21.64
C ALA B 84 -34.40 20.03 21.26
N ALA B 85 -34.83 20.97 22.10
CA ALA B 85 -36.15 21.58 21.97
C ALA B 85 -36.10 22.93 21.31
N TYR B 86 -34.90 23.46 21.09
CA TYR B 86 -34.76 24.70 20.36
C TYR B 86 -35.10 24.52 18.88
N VAL B 87 -35.96 25.39 18.37
CA VAL B 87 -36.32 25.35 16.96
C VAL B 87 -35.73 26.58 16.28
N PRO B 88 -34.68 26.37 15.48
CA PRO B 88 -34.04 27.49 14.81
C PRO B 88 -34.90 28.09 13.69
N SER B 89 -34.71 29.37 13.45
CA SER B 89 -35.39 30.03 12.35
C SER B 89 -35.08 29.31 11.03
N ARG B 90 -36.07 29.26 10.16
CA ARG B 90 -35.85 28.73 8.82
C ARG B 90 -35.80 29.88 7.81
N GLU B 91 -35.76 31.11 8.30
CA GLU B 91 -35.65 32.27 7.43
C GLU B 91 -34.58 32.02 6.39
N GLY B 92 -34.98 32.05 5.12
CA GLY B 92 -34.06 31.95 4.00
C GLY B 92 -33.62 30.56 3.57
N MET B 93 -34.07 29.51 4.24
CA MET B 93 -33.55 28.19 3.96
C MET B 93 -34.11 27.69 2.65
N ASP B 94 -35.39 27.91 2.41
CA ASP B 94 -35.98 27.46 1.14
C ASP B 94 -35.26 28.05 -0.08
N ALA B 95 -34.67 29.23 0.08
CA ALA B 95 -33.99 29.91 -1.00
C ALA B 95 -32.47 29.66 -1.03
N LEU B 96 -31.95 29.00 -0.02
CA LEU B 96 -30.52 28.84 0.13
C LEU B 96 -29.94 28.09 -1.06
N HIS B 97 -30.59 26.98 -1.43
CA HIS B 97 -30.15 26.13 -2.54
C HIS B 97 -28.71 25.62 -2.43
N ILE B 98 -28.42 24.88 -1.36
CA ILE B 98 -27.13 24.23 -1.23
C ILE B 98 -27.32 22.81 -0.77
N SER B 99 -26.32 21.98 -1.04
CA SER B 99 -26.30 20.63 -0.54
C SER B 99 -24.86 20.23 -0.21
N GLY B 100 -24.74 19.11 0.49
CA GLY B 100 -23.43 18.58 0.87
C GLY B 100 -23.40 17.08 0.77
N SER B 101 -22.22 16.53 0.59
CA SER B 101 -22.06 15.08 0.62
C SER B 101 -20.61 14.69 0.74
N SER B 102 -20.38 13.39 0.81
CA SER B 102 -19.05 12.85 0.88
C SER B 102 -18.59 12.65 -0.53
N ALA B 103 -17.45 11.99 -0.69
CA ALA B 103 -16.99 11.65 -2.01
C ALA B 103 -17.91 10.59 -2.62
N PHE B 104 -17.83 10.44 -3.94
CA PHE B 104 -18.77 9.64 -4.72
C PHE B 104 -18.12 8.97 -5.92
N THR B 105 -18.69 7.87 -6.38
CA THR B 105 -18.36 7.35 -7.68
C THR B 105 -19.10 8.17 -8.71
N PRO B 106 -18.75 8.00 -9.99
CA PRO B 106 -19.39 8.79 -11.05
C PRO B 106 -20.88 8.49 -11.19
N ALA B 107 -21.27 7.24 -10.96
CA ALA B 107 -22.67 6.86 -10.97
C ALA B 107 -23.38 7.59 -9.86
N GLN B 108 -22.78 7.58 -8.67
CA GLN B 108 -23.37 8.26 -7.54
C GLN B 108 -23.55 9.74 -7.78
N LEU B 109 -22.64 10.36 -8.52
CA LEU B 109 -22.72 11.79 -8.81
C LEU B 109 -23.87 12.16 -9.79
N LYS B 110 -24.12 11.35 -10.80
CA LYS B 110 -25.30 11.52 -11.65
C LYS B 110 -26.60 11.34 -10.88
N ASN B 111 -26.58 10.44 -9.92
CA ASN B 111 -27.78 10.31 -9.12
C ASN B 111 -28.00 11.56 -8.32
N VAL B 112 -26.93 12.12 -7.78
CA VAL B 112 -27.01 13.40 -7.06
C VAL B 112 -27.48 14.52 -7.98
N ALA B 113 -26.90 14.61 -9.17
CA ALA B 113 -27.22 15.66 -10.10
C ALA B 113 -28.66 15.56 -10.51
N ALA B 114 -29.14 14.33 -10.69
CA ALA B 114 -30.54 14.10 -11.08
C ALA B 114 -31.48 14.49 -9.96
N LYS B 115 -31.14 14.13 -8.73
CA LYS B 115 -31.95 14.53 -7.57
C LYS B 115 -32.02 16.05 -7.44
N LEU B 116 -30.88 16.74 -7.65
CA LEU B 116 -30.82 18.18 -7.49
C LEU B 116 -31.54 18.88 -8.63
N ARG B 117 -31.50 18.28 -9.82
CA ARG B 117 -32.10 18.89 -11.01
C ARG B 117 -33.64 18.98 -10.88
N GLU B 118 -34.22 18.17 -10.01
CA GLU B 118 -35.65 18.27 -9.72
C GLU B 118 -35.98 19.53 -8.94
N LYS B 119 -35.00 20.09 -8.27
CA LYS B 119 -35.24 21.19 -7.36
C LYS B 119 -34.90 22.51 -7.99
N THR B 120 -34.23 22.49 -9.13
CA THR B 120 -33.79 23.75 -9.71
C THR B 120 -33.53 23.71 -11.20
N ALA B 121 -33.60 24.88 -11.82
CA ALA B 121 -33.34 25.07 -13.22
C ALA B 121 -32.08 25.91 -13.39
N GLY B 122 -31.45 26.24 -12.26
CA GLY B 122 -30.18 26.94 -12.27
C GLY B 122 -29.01 26.03 -12.55
N PRO B 123 -27.86 26.61 -12.83
CA PRO B 123 -26.69 25.79 -12.93
C PRO B 123 -26.36 25.14 -11.59
N ILE B 124 -25.95 23.88 -11.64
CA ILE B 124 -25.55 23.12 -10.46
C ILE B 124 -24.04 22.93 -10.43
N TYR B 125 -23.42 23.48 -9.39
CA TYR B 125 -21.99 23.38 -9.22
C TYR B 125 -21.63 22.23 -8.28
N ASP B 126 -20.67 21.43 -8.70
CA ASP B 126 -19.98 20.52 -7.80
C ASP B 126 -18.82 21.33 -7.23
N VAL B 127 -18.90 21.68 -5.95
CA VAL B 127 -17.84 22.47 -5.32
C VAL B 127 -16.97 21.54 -4.49
N ASP B 128 -15.84 21.24 -5.06
CA ASP B 128 -14.90 20.25 -4.58
C ASP B 128 -13.95 20.94 -3.62
N LEU B 129 -14.07 20.59 -2.35
CA LEU B 129 -13.34 21.27 -1.27
C LEU B 129 -12.07 20.54 -0.83
N ARG B 130 -11.55 19.64 -1.65
CA ARG B 130 -10.47 18.79 -1.18
C ARG B 130 -9.07 19.25 -1.65
N GLN B 131 -8.18 19.54 -0.71
CA GLN B 131 -6.81 19.86 -1.10
C GLN B 131 -6.09 18.61 -1.59
N GLU B 132 -6.42 17.48 -1.02
CA GLU B 132 -5.74 16.23 -1.38
C GLU B 132 -5.98 15.87 -2.86
N SER B 133 -4.92 15.40 -3.50
CA SER B 133 -5.01 14.93 -4.87
C SER B 133 -5.96 13.74 -4.98
N HIS B 134 -6.89 13.82 -5.92
CA HIS B 134 -7.90 12.79 -6.09
C HIS B 134 -8.41 12.79 -7.51
N GLY B 135 -9.03 11.68 -7.87
CA GLY B 135 -9.56 11.52 -9.22
C GLY B 135 -10.22 10.18 -9.32
N TYR B 136 -10.27 9.65 -10.53
CA TYR B 136 -10.88 8.36 -10.76
C TYR B 136 -9.99 7.50 -11.65
N LEU B 137 -9.68 6.32 -11.13
CA LEU B 137 -8.96 5.33 -11.87
C LEU B 137 -9.95 4.24 -12.24
N ASP B 138 -10.19 4.04 -13.54
CA ASP B 138 -11.20 3.08 -14.02
C ASP B 138 -12.53 3.34 -13.31
N GLY B 139 -12.89 4.61 -13.17
CA GLY B 139 -14.16 4.99 -12.54
C GLY B 139 -14.21 4.84 -11.03
N ILE B 140 -13.12 4.41 -10.43
CA ILE B 140 -13.05 4.27 -9.00
C ILE B 140 -12.53 5.58 -8.40
N PRO B 141 -13.25 6.15 -7.43
CA PRO B 141 -12.82 7.41 -6.82
C PRO B 141 -11.71 7.19 -5.79
N VAL B 142 -10.54 7.76 -6.02
CA VAL B 142 -9.40 7.53 -5.14
C VAL B 142 -8.74 8.85 -4.78
N SER B 143 -7.97 8.85 -3.68
CA SER B 143 -7.13 9.99 -3.34
C SER B 143 -5.75 9.54 -2.88
N TRP B 144 -4.75 10.37 -3.12
CA TRP B 144 -3.40 10.04 -2.72
C TRP B 144 -3.26 10.39 -1.24
N TYR B 145 -3.31 9.35 -0.39
CA TYR B 145 -3.44 9.51 1.04
C TYR B 145 -2.11 9.51 1.80
N GLY B 146 -1.88 10.60 2.53
CA GLY B 146 -0.80 10.73 3.46
C GLY B 146 -1.36 10.79 4.86
N GLU B 147 -0.50 10.62 5.86
CA GLU B 147 -0.97 10.62 7.22
C GLU B 147 -1.76 11.87 7.50
N ARG B 148 -2.85 11.71 8.25
CA ARG B 148 -3.81 12.76 8.55
C ARG B 148 -4.48 13.35 7.30
N ASP B 149 -4.34 12.67 6.19
CA ASP B 149 -4.82 13.15 4.89
C ASP B 149 -4.17 14.47 4.55
N TRP B 150 -2.88 14.58 4.83
CA TRP B 150 -2.20 15.86 4.63
C TRP B 150 -1.10 15.86 3.56
N ALA B 151 -1.26 15.02 2.54
CA ALA B 151 -0.23 14.85 1.52
C ALA B 151 0.03 16.11 0.68
N ASN B 152 -0.91 17.05 0.66
CA ASN B 152 -0.66 18.33 -0.04
C ASN B 152 -0.55 19.51 0.92
N LEU B 153 -0.34 19.22 2.19
CA LEU B 153 -0.23 20.25 3.21
C LEU B 153 0.77 21.30 2.76
N GLY B 154 0.42 22.58 2.89
CA GLY B 154 1.35 23.66 2.62
C GLY B 154 1.49 24.07 1.15
N LYS B 155 0.99 23.25 0.23
CA LYS B 155 1.06 23.58 -1.18
C LYS B 155 0.03 24.63 -1.53
N SER B 156 0.35 25.46 -2.51
CA SER B 156 -0.61 26.38 -3.08
C SER B 156 -1.65 25.57 -3.84
N GLN B 157 -2.77 26.19 -4.17
CA GLN B 157 -3.78 25.45 -4.92
C GLN B 157 -3.19 25.02 -6.27
N HIS B 158 -2.38 25.91 -6.86
CA HIS B 158 -1.75 25.61 -8.14
C HIS B 158 -0.83 24.40 -8.02
N GLU B 159 -0.03 24.35 -6.97
CA GLU B 159 0.89 23.23 -6.77
C GLU B 159 0.15 21.93 -6.46
N ALA B 160 -0.95 22.03 -5.73
CA ALA B 160 -1.74 20.86 -5.34
C ALA B 160 -2.37 20.20 -6.55
N LEU B 161 -2.93 21.03 -7.41
CA LEU B 161 -3.59 20.58 -8.63
C LEU B 161 -2.61 20.07 -9.68
N ALA B 162 -1.39 20.60 -9.72
CA ALA B 162 -0.40 20.09 -10.67
C ALA B 162 0.08 18.72 -10.26
N ASP B 163 0.20 18.54 -8.98
CA ASP B 163 0.54 17.27 -8.46
C ASP B 163 -0.52 16.23 -8.82
N GLU B 164 -1.76 16.61 -8.54
CA GLU B 164 -2.90 15.75 -8.77
C GLU B 164 -2.90 15.32 -10.25
N ARG B 165 -2.86 16.28 -11.15
CA ARG B 165 -2.81 15.96 -12.57
C ARG B 165 -1.62 15.04 -12.93
N HIS B 166 -0.43 15.34 -12.41
N HIS B 166 -0.43 15.32 -12.39
CA HIS B 166 0.74 14.53 -12.75
CA HIS B 166 0.78 14.52 -12.72
C HIS B 166 0.58 13.10 -12.25
C HIS B 166 0.63 13.10 -12.23
N ARG B 167 0.16 12.95 -10.99
CA ARG B 167 -0.05 11.63 -10.41
C ARG B 167 -1.11 10.80 -11.15
N LEU B 168 -2.19 11.45 -11.54
CA LEU B 168 -3.28 10.73 -12.20
C LEU B 168 -2.79 10.20 -13.53
N HIS B 169 -2.09 11.05 -14.28
CA HIS B 169 -1.57 10.67 -15.59
C HIS B 169 -0.55 9.53 -15.46
N ALA B 170 0.22 9.53 -14.37
CA ALA B 170 1.26 8.53 -14.13
C ALA B 170 0.68 7.17 -13.87
N ALA B 171 -0.57 7.13 -13.41
CA ALA B 171 -1.22 5.87 -13.08
C ALA B 171 -1.75 5.12 -14.30
N LEU B 172 -1.93 5.81 -15.42
CA LEU B 172 -2.53 5.19 -16.61
C LEU B 172 -1.65 4.08 -17.18
N HIS B 173 -2.26 2.93 -17.38
CA HIS B 173 -1.58 1.74 -17.89
C HIS B 173 -0.53 1.21 -16.92
N LYS B 174 -0.63 1.63 -15.66
CA LYS B 174 0.28 1.19 -14.63
C LYS B 174 -0.45 0.37 -13.62
N THR B 175 0.30 -0.45 -12.89
CA THR B 175 -0.29 -1.26 -11.85
C THR B 175 -0.40 -0.43 -10.59
N VAL B 176 -1.58 -0.42 -9.96
CA VAL B 176 -1.79 0.34 -8.74
C VAL B 176 -2.49 -0.48 -7.68
N TYR B 177 -2.25 -0.09 -6.44
CA TYR B 177 -2.88 -0.68 -5.30
C TYR B 177 -3.89 0.34 -4.75
N ILE B 178 -5.13 -0.08 -4.59
CA ILE B 178 -6.19 0.77 -4.09
C ILE B 178 -6.84 0.14 -2.87
N ALA B 179 -6.85 0.85 -1.75
CA ALA B 179 -7.35 0.23 -0.55
C ALA B 179 -8.12 1.20 0.32
N PRO B 180 -9.11 0.67 1.04
CA PRO B 180 -9.72 1.40 2.11
C PRO B 180 -8.79 1.40 3.31
N LEU B 181 -8.97 2.41 4.14
CA LEU B 181 -8.25 2.51 5.39
C LEU B 181 -9.07 1.80 6.45
N GLY B 182 -8.41 1.14 7.38
CA GLY B 182 -9.12 0.40 8.40
C GLY B 182 -8.60 0.66 9.79
N LYS B 183 -8.15 -0.42 10.42
CA LYS B 183 -7.46 -0.33 11.69
C LYS B 183 -6.45 0.81 11.54
N HIS B 184 -6.54 1.78 12.45
CA HIS B 184 -5.52 2.79 12.66
C HIS B 184 -5.14 3.56 11.41
N LYS B 185 -6.10 3.80 10.54
CA LYS B 185 -5.87 4.62 9.36
C LYS B 185 -4.76 4.09 8.44
N LEU B 186 -4.60 2.77 8.40
CA LEU B 186 -3.73 2.14 7.42
C LEU B 186 -4.52 1.21 6.50
N PRO B 187 -3.99 0.99 5.28
CA PRO B 187 -4.58 0.09 4.29
C PRO B 187 -4.93 -1.27 4.86
N GLU B 188 -6.01 -1.82 4.33
CA GLU B 188 -6.58 -3.06 4.79
C GLU B 188 -7.31 -3.69 3.62
N GLY B 189 -6.75 -4.77 3.09
CA GLY B 189 -7.30 -5.38 1.89
C GLY B 189 -7.14 -4.50 0.68
N GLY B 190 -8.24 -4.25 -0.02
CA GLY B 190 -8.25 -3.43 -1.24
C GLY B 190 -8.07 -4.29 -2.48
N GLU B 191 -7.47 -3.73 -3.53
CA GLU B 191 -7.28 -4.47 -4.77
C GLU B 191 -6.16 -3.87 -5.59
N VAL B 192 -5.72 -4.65 -6.57
CA VAL B 192 -4.63 -4.29 -7.43
C VAL B 192 -5.13 -4.34 -8.84
N ARG B 193 -4.86 -3.31 -9.62
CA ARG B 193 -5.28 -3.35 -11.00
C ARG B 193 -4.34 -2.57 -11.87
N ARG B 194 -4.41 -2.85 -13.16
CA ARG B 194 -3.69 -2.07 -14.11
C ARG B 194 -4.67 -1.10 -14.72
N VAL B 195 -4.42 0.19 -14.58
CA VAL B 195 -5.44 1.18 -14.90
C VAL B 195 -5.56 1.44 -16.39
N GLN B 196 -6.80 1.46 -16.90
CA GLN B 196 -7.00 1.63 -18.35
C GLN B 196 -7.63 2.97 -18.64
N LYS B 197 -8.05 3.67 -17.60
CA LYS B 197 -8.67 4.96 -17.77
C LYS B 197 -8.43 5.81 -16.52
N VAL B 198 -8.18 7.08 -16.73
CA VAL B 198 -7.93 8.01 -15.67
C VAL B 198 -8.78 9.24 -15.92
N GLN B 199 -9.40 9.77 -14.88
CA GLN B 199 -10.17 11.01 -15.02
C GLN B 199 -10.03 11.96 -13.83
N THR B 200 -10.14 13.27 -14.08
CA THR B 200 -10.22 14.25 -12.99
C THR B 200 -11.65 14.35 -12.52
N GLU B 201 -11.85 14.89 -11.32
CA GLU B 201 -13.23 15.09 -10.88
C GLU B 201 -13.97 16.10 -11.73
N GLN B 202 -13.25 17.07 -12.29
CA GLN B 202 -13.86 18.02 -13.18
C GLN B 202 -14.50 17.31 -14.38
N GLU B 203 -13.74 16.43 -15.02
CA GLU B 203 -14.30 15.60 -16.10
C GLU B 203 -15.54 14.84 -15.66
N VAL B 204 -15.50 14.22 -14.50
CA VAL B 204 -16.67 13.45 -13.99
C VAL B 204 -17.88 14.32 -13.67
N ALA B 205 -17.62 15.54 -13.22
CA ALA B 205 -18.67 16.46 -12.84
C ALA B 205 -19.37 16.97 -14.09
N GLU B 206 -18.59 17.42 -15.06
CA GLU B 206 -19.12 17.93 -16.33
C GLU B 206 -19.85 16.85 -17.11
N ALA B 207 -19.46 15.59 -16.90
CA ALA B 207 -20.18 14.43 -17.45
C ALA B 207 -21.51 14.19 -16.76
N ALA B 208 -21.67 14.67 -15.53
CA ALA B 208 -22.93 14.52 -14.87
C ALA B 208 -23.79 15.75 -15.07
N GLY B 209 -23.27 16.71 -15.83
CA GLY B 209 -24.01 17.94 -16.12
C GLY B 209 -23.81 19.04 -15.08
N MET B 210 -22.77 18.92 -14.29
CA MET B 210 -22.52 19.90 -13.27
C MET B 210 -21.36 20.78 -13.63
N ARG B 211 -21.44 22.06 -13.29
CA ARG B 211 -20.27 22.93 -13.34
C ARG B 211 -19.34 22.54 -12.19
N TYR B 212 -18.08 22.93 -12.27
CA TYR B 212 -17.09 22.46 -11.30
C TYR B 212 -16.36 23.63 -10.71
N PHE B 213 -16.19 23.63 -9.40
CA PHE B 213 -15.36 24.65 -8.79
C PHE B 213 -14.52 24.06 -7.67
N ARG B 214 -13.22 24.30 -7.72
CA ARG B 214 -12.28 23.65 -6.82
C ARG B 214 -11.76 24.61 -5.78
N ILE B 215 -11.90 24.24 -4.50
CA ILE B 215 -11.23 24.97 -3.43
C ILE B 215 -10.38 23.99 -2.64
N ALA B 216 -9.08 24.17 -2.69
CA ALA B 216 -8.13 23.20 -2.12
C ALA B 216 -8.00 23.39 -0.61
N ALA B 217 -8.97 22.84 0.13
CA ALA B 217 -8.97 23.00 1.59
C ALA B 217 -8.39 21.78 2.29
N THR B 218 -7.47 22.03 3.21
CA THR B 218 -6.85 20.96 3.99
C THR B 218 -7.80 20.23 4.93
N ASP B 219 -7.75 18.91 4.89
CA ASP B 219 -8.56 18.09 5.76
C ASP B 219 -8.29 18.41 7.27
N HIS B 220 -9.35 18.36 8.08
CA HIS B 220 -9.35 18.45 9.55
C HIS B 220 -9.28 19.84 10.17
N VAL B 221 -8.92 20.85 9.38
CA VAL B 221 -8.63 22.16 9.92
C VAL B 221 -9.44 23.26 9.27
N TRP B 222 -9.38 24.44 9.85
CA TRP B 222 -10.13 25.58 9.35
C TRP B 222 -9.60 26.01 7.99
N PRO B 223 -10.49 26.29 7.03
CA PRO B 223 -10.00 26.68 5.72
C PRO B 223 -9.17 27.97 5.80
N THR B 224 -8.14 28.06 4.97
CA THR B 224 -7.21 29.18 4.98
C THR B 224 -7.82 30.47 4.44
N PRO B 225 -7.16 31.62 4.68
CA PRO B 225 -7.62 32.90 4.16
C PRO B 225 -7.70 32.90 2.63
N GLU B 226 -6.73 32.26 2.00
CA GLU B 226 -6.73 32.06 0.56
C GLU B 226 -7.97 31.25 0.13
N ASN B 227 -8.18 30.08 0.73
CA ASN B 227 -9.41 29.30 0.51
C ASN B 227 -10.68 30.16 0.52
N ILE B 228 -10.83 30.97 1.56
CA ILE B 228 -12.06 31.72 1.74
C ILE B 228 -12.16 32.95 0.80
N ASP B 229 -11.04 33.60 0.51
CA ASP B 229 -11.03 34.69 -0.47
C ASP B 229 -11.44 34.17 -1.85
N ARG B 230 -10.93 33.00 -2.22
CA ARG B 230 -11.32 32.36 -3.47
C ARG B 230 -12.81 31.98 -3.41
N PHE B 231 -13.27 31.44 -2.30
CA PHE B 231 -14.68 31.12 -2.23
C PHE B 231 -15.54 32.38 -2.37
N LEU B 232 -15.12 33.45 -1.70
CA LEU B 232 -15.94 34.67 -1.65
C LEU B 232 -16.06 35.34 -3.00
N ALA B 233 -14.98 35.38 -3.77
CA ALA B 233 -15.04 35.96 -5.10
C ALA B 233 -15.92 35.11 -6.03
N PHE B 234 -15.78 33.81 -5.91
CA PHE B 234 -16.63 32.85 -6.62
C PHE B 234 -18.10 33.09 -6.30
N TYR B 235 -18.42 33.13 -5.00
CA TYR B 235 -19.79 33.34 -4.56
C TYR B 235 -20.41 34.59 -5.19
N ARG B 236 -19.52 35.55 -5.46
N ARG B 236 -19.59 35.62 -5.40
CA ARG B 236 -19.93 36.86 -5.89
CA ARG B 236 -20.09 36.89 -5.96
C ARG B 236 -20.30 36.83 -7.38
C ARG B 236 -20.31 36.84 -7.45
N THR B 237 -19.80 35.84 -8.12
CA THR B 237 -20.08 35.71 -9.53
C THR B 237 -21.36 34.93 -9.84
N LEU B 238 -22.03 34.41 -8.81
CA LEU B 238 -23.07 33.40 -9.01
C LEU B 238 -24.37 34.00 -9.46
N PRO B 239 -25.00 33.39 -10.47
CA PRO B 239 -26.34 33.81 -10.83
C PRO B 239 -27.26 33.42 -9.68
N GLN B 240 -28.40 34.08 -9.59
CA GLN B 240 -29.32 33.93 -8.48
C GLN B 240 -29.75 32.48 -8.27
N ASP B 241 -29.96 31.75 -9.35
CA ASP B 241 -30.54 30.43 -9.23
C ASP B 241 -29.47 29.35 -9.19
N ALA B 242 -28.23 29.73 -8.93
CA ALA B 242 -27.17 28.75 -8.82
C ALA B 242 -27.41 27.82 -7.61
N TRP B 243 -27.21 26.53 -7.83
CA TRP B 243 -27.25 25.56 -6.75
C TRP B 243 -25.84 25.07 -6.48
N LEU B 244 -25.43 25.12 -5.22
CA LEU B 244 -24.08 24.73 -4.84
C LEU B 244 -24.08 23.42 -4.10
N HIS B 245 -23.46 22.40 -4.72
CA HIS B 245 -23.24 21.13 -4.05
C HIS B 245 -21.81 20.99 -3.57
N PHE B 246 -21.62 21.18 -2.26
CA PHE B 246 -20.34 21.01 -1.60
C PHE B 246 -20.04 19.54 -1.32
N HIS B 247 -18.81 19.14 -1.53
CA HIS B 247 -18.38 17.87 -0.99
C HIS B 247 -16.93 17.88 -0.61
N SER B 248 -16.59 16.99 0.31
CA SER B 248 -15.20 16.77 0.70
C SER B 248 -15.06 15.24 0.78
N GLU B 249 -14.23 14.72 1.68
CA GLU B 249 -14.03 13.27 1.74
C GLU B 249 -15.22 12.62 2.44
N ALA B 250 -15.51 13.06 3.66
CA ALA B 250 -16.62 12.49 4.40
C ALA B 250 -17.88 13.28 4.25
N GLY B 251 -17.76 14.56 3.93
CA GLY B 251 -18.93 15.39 3.83
C GLY B 251 -19.29 15.89 5.20
N VAL B 252 -18.28 16.06 6.06
CA VAL B 252 -18.50 16.54 7.42
C VAL B 252 -17.77 17.87 7.64
N GLY B 253 -16.47 17.79 7.92
CA GLY B 253 -15.69 18.96 8.31
C GLY B 253 -15.70 20.13 7.35
N ARG B 254 -15.09 19.95 6.18
CA ARG B 254 -15.01 21.02 5.20
C ARG B 254 -16.37 21.32 4.58
N THR B 255 -17.09 20.28 4.19
CA THR B 255 -18.41 20.49 3.62
C THR B 255 -19.27 21.40 4.51
N THR B 256 -19.34 21.10 5.80
CA THR B 256 -20.22 21.86 6.67
C THR B 256 -19.72 23.29 6.83
N ALA B 257 -18.41 23.46 6.92
CA ALA B 257 -17.87 24.79 7.12
C ALA B 257 -18.28 25.72 5.98
N PHE B 258 -18.23 25.23 4.76
CA PHE B 258 -18.62 26.05 3.61
C PHE B 258 -20.12 26.18 3.44
N MET B 259 -20.88 25.18 3.88
CA MET B 259 -22.31 25.34 3.91
C MET B 259 -22.68 26.49 4.84
N VAL B 260 -22.08 26.48 6.04
CA VAL B 260 -22.36 27.49 7.05
C VAL B 260 -21.99 28.87 6.57
N MET B 261 -20.82 29.00 5.96
CA MET B 261 -20.38 30.28 5.41
C MET B 261 -21.34 30.76 4.34
N THR B 262 -21.76 29.89 3.45
CA THR B 262 -22.71 30.30 2.43
C THR B 262 -24.00 30.81 3.08
N ASP B 263 -24.50 30.07 4.07
CA ASP B 263 -25.72 30.41 4.78
C ASP B 263 -25.59 31.83 5.37
N MET B 264 -24.44 32.14 5.95
CA MET B 264 -24.27 33.45 6.61
C MET B 264 -24.24 34.56 5.60
N LEU B 265 -23.53 34.33 4.49
CA LEU B 265 -23.42 35.31 3.44
C LEU B 265 -24.77 35.62 2.83
N LYS B 266 -25.52 34.58 2.53
CA LYS B 266 -26.77 34.77 1.81
C LYS B 266 -27.90 35.18 2.77
N ASN B 267 -27.85 34.70 4.02
CA ASN B 267 -28.88 35.07 5.00
C ASN B 267 -28.34 35.81 6.23
N PRO B 268 -27.76 37.00 6.02
CA PRO B 268 -27.07 37.78 7.06
C PRO B 268 -27.92 38.25 8.25
N SER B 269 -29.25 38.23 8.13
CA SER B 269 -30.08 38.66 9.25
C SER B 269 -30.40 37.51 10.21
N VAL B 270 -29.97 36.30 9.87
CA VAL B 270 -30.19 35.15 10.75
C VAL B 270 -29.09 35.08 11.82
N SER B 271 -29.44 34.63 13.01
CA SER B 271 -28.51 34.65 14.14
C SER B 271 -27.46 33.56 14.00
N LEU B 272 -26.28 33.83 14.53
CA LEU B 272 -25.22 32.83 14.54
C LEU B 272 -25.76 31.50 15.00
N LYS B 273 -26.42 31.51 16.16
CA LYS B 273 -26.93 30.28 16.75
C LYS B 273 -27.84 29.51 15.80
N ASP B 274 -28.75 30.19 15.13
CA ASP B 274 -29.69 29.52 14.22
C ASP B 274 -28.99 28.90 13.00
N ILE B 275 -28.04 29.62 12.42
CA ILE B 275 -27.24 29.11 11.32
C ILE B 275 -26.57 27.79 11.68
N LEU B 276 -25.95 27.74 12.86
CA LEU B 276 -25.22 26.53 13.32
C LEU B 276 -26.17 25.38 13.73
N TYR B 277 -27.25 25.70 14.41
CA TYR B 277 -28.23 24.67 14.74
C TYR B 277 -28.83 24.04 13.46
N ARG B 278 -29.26 24.87 12.51
CA ARG B 278 -29.91 24.34 11.32
C ARG B 278 -28.95 23.61 10.38
N GLN B 279 -27.72 24.08 10.21
CA GLN B 279 -26.78 23.37 9.35
C GLN B 279 -26.39 22.04 9.95
N HIS B 280 -26.37 21.96 11.27
CA HIS B 280 -26.16 20.68 11.92
C HIS B 280 -27.36 19.73 11.79
N GLU B 281 -28.55 20.24 12.02
CA GLU B 281 -29.75 19.39 12.07
C GLU B 281 -30.26 18.93 10.70
N ILE B 282 -29.73 19.45 9.62
CA ILE B 282 -30.03 18.84 8.32
C ILE B 282 -29.04 17.74 7.96
N GLY B 283 -28.04 17.52 8.82
CA GLY B 283 -27.08 16.45 8.62
C GLY B 283 -25.63 16.89 8.57
N GLY B 284 -25.35 18.06 9.10
CA GLY B 284 -24.00 18.59 9.09
C GLY B 284 -23.32 18.44 10.44
N PHE B 285 -22.07 18.91 10.48
CA PHE B 285 -21.34 19.04 11.72
C PHE B 285 -21.91 20.21 12.50
N TYR B 286 -21.67 20.26 13.80
CA TYR B 286 -22.07 21.42 14.59
C TYR B 286 -20.85 22.27 14.88
N TYR B 287 -20.88 23.51 14.42
CA TYR B 287 -19.71 24.39 14.52
C TYR B 287 -19.73 25.41 15.66
N GLY B 288 -20.55 25.19 16.69
CA GLY B 288 -20.56 26.02 17.90
C GLY B 288 -19.78 25.33 19.01
N GLU B 289 -19.73 25.95 20.19
CA GLU B 289 -19.04 25.35 21.33
C GLU B 289 -19.71 24.06 21.68
N PHE B 290 -18.92 23.10 22.12
CA PHE B 290 -19.45 21.89 22.71
C PHE B 290 -18.32 21.24 23.51
N PRO B 291 -18.66 20.34 24.45
CA PRO B 291 -17.64 19.64 25.21
C PRO B 291 -16.88 18.60 24.40
N ILE B 292 -15.63 18.91 24.08
CA ILE B 292 -14.77 18.05 23.28
C ILE B 292 -14.12 17.03 24.18
N LYS B 293 -14.27 15.76 23.85
CA LYS B 293 -13.54 14.70 24.53
C LYS B 293 -13.10 13.65 23.51
N THR B 294 -11.81 13.67 23.19
CA THR B 294 -11.25 12.75 22.20
C THR B 294 -10.60 11.52 22.84
N LYS B 295 -10.46 10.47 22.03
CA LYS B 295 -9.60 9.35 22.40
C LYS B 295 -8.13 9.79 22.32
N ASP B 296 -7.27 9.11 23.05
CA ASP B 296 -5.87 9.52 23.20
C ASP B 296 -5.13 9.71 21.86
N LYS B 297 -5.27 8.74 20.97
CA LYS B 297 -4.57 8.79 19.68
C LYS B 297 -5.18 9.83 18.75
N ASP B 298 -6.22 10.52 19.21
CA ASP B 298 -6.92 11.52 18.40
C ASP B 298 -6.83 12.94 18.99
N SER B 299 -6.00 13.12 20.01
CA SER B 299 -6.00 14.37 20.77
C SER B 299 -5.33 15.49 19.99
N TRP B 300 -4.68 15.17 18.89
CA TRP B 300 -4.10 16.22 18.05
C TRP B 300 -5.19 17.05 17.36
N LYS B 301 -6.42 16.55 17.40
CA LYS B 301 -7.52 17.22 16.81
C LYS B 301 -8.12 18.27 17.67
N THR B 302 -7.93 18.15 18.98
CA THR B 302 -8.52 19.06 19.96
C THR B 302 -8.35 20.54 19.62
N LYS B 303 -7.13 21.02 19.41
CA LYS B 303 -6.97 22.46 19.18
C LYS B 303 -7.49 22.91 17.80
N TYR B 304 -7.67 21.97 16.89
CA TYR B 304 -8.17 22.30 15.55
C TYR B 304 -9.67 22.50 15.56
N TYR B 305 -10.37 21.72 16.38
CA TYR B 305 -11.77 21.96 16.69
C TYR B 305 -11.96 23.31 17.33
N ARG B 306 -11.17 23.63 18.34
CA ARG B 306 -11.29 24.91 19.02
C ARG B 306 -11.03 26.05 18.07
N GLU B 307 -10.04 25.91 17.19
CA GLU B 307 -9.73 26.93 16.19
C GLU B 307 -10.92 27.20 15.26
N LYS B 308 -11.58 26.14 14.83
CA LYS B 308 -12.70 26.28 13.90
C LYS B 308 -13.87 27.01 14.58
N ILE B 309 -14.07 26.76 15.86
CA ILE B 309 -15.15 27.41 16.56
C ILE B 309 -14.89 28.91 16.60
N VAL B 310 -13.67 29.29 16.93
CA VAL B 310 -13.38 30.72 17.04
C VAL B 310 -13.46 31.40 15.67
N MET B 311 -13.01 30.70 14.64
CA MET B 311 -12.99 31.26 13.29
C MET B 311 -14.39 31.36 12.70
N ILE B 312 -15.29 30.48 13.11
CA ILE B 312 -16.67 30.55 12.69
C ILE B 312 -17.29 31.87 13.20
N GLU B 313 -17.09 32.17 14.48
CA GLU B 313 -17.54 33.45 15.02
C GLU B 313 -16.91 34.62 14.23
N GLN B 314 -15.62 34.52 13.96
CA GLN B 314 -14.90 35.60 13.25
C GLN B 314 -15.43 35.88 11.82
N PHE B 315 -15.74 34.82 11.10
CA PHE B 315 -16.38 34.96 9.79
C PHE B 315 -17.75 35.62 9.89
N TYR B 316 -18.53 35.22 10.89
CA TYR B 316 -19.83 35.83 11.10
C TYR B 316 -19.67 37.34 11.24
N ARG B 317 -18.75 37.73 12.10
CA ARG B 317 -18.38 39.11 12.29
C ARG B 317 -17.93 39.79 10.98
N TYR B 318 -17.16 39.09 10.15
CA TYR B 318 -16.72 39.67 8.89
C TYR B 318 -17.93 40.04 8.05
N VAL B 319 -18.93 39.15 8.04
CA VAL B 319 -20.10 39.34 7.20
C VAL B 319 -20.85 40.57 7.70
N GLN B 320 -21.09 40.64 9.00
CA GLN B 320 -21.88 41.72 9.57
C GLN B 320 -21.24 43.06 9.28
N GLU B 321 -19.91 43.15 9.34
CA GLU B 321 -19.22 44.42 9.24
C GLU B 321 -18.92 44.84 7.81
N ASN B 322 -18.92 43.90 6.89
CA ASN B 322 -18.52 44.22 5.52
C ASN B 322 -19.58 44.08 4.43
N ARG B 323 -20.74 43.52 4.77
CA ARG B 323 -21.77 43.29 3.76
C ARG B 323 -22.34 44.63 3.30
N ALA B 324 -22.47 45.59 4.22
CA ALA B 324 -23.09 46.89 3.87
C ALA B 324 -22.42 47.51 2.64
N ASP B 325 -21.10 47.63 2.67
CA ASP B 325 -20.37 48.27 1.57
C ASP B 325 -20.10 47.33 0.41
N GLY B 326 -20.61 46.11 0.48
CA GLY B 326 -20.47 45.16 -0.62
C GLY B 326 -19.10 44.50 -0.65
N TYR B 327 -18.52 44.28 0.53
CA TYR B 327 -17.25 43.55 0.65
C TYR B 327 -16.09 44.22 -0.11
N GLN B 328 -15.89 45.51 0.18
CA GLN B 328 -14.82 46.26 -0.48
C GLN B 328 -13.46 45.66 -0.07
N THR B 329 -13.42 45.15 1.16
CA THR B 329 -12.19 44.56 1.73
C THR B 329 -12.37 43.06 1.94
N PRO B 330 -11.45 42.25 1.40
CA PRO B 330 -11.64 40.80 1.48
C PRO B 330 -11.32 40.23 2.86
N TRP B 331 -11.67 38.97 3.03
CA TRP B 331 -11.49 38.29 4.28
C TRP B 331 -10.02 38.29 4.73
N SER B 332 -9.13 37.87 3.86
CA SER B 332 -7.72 37.77 4.24
C SER B 332 -7.25 39.08 4.86
N VAL B 333 -7.58 40.20 4.23
CA VAL B 333 -7.13 41.51 4.71
C VAL B 333 -7.81 41.90 6.00
N TRP B 334 -9.14 41.80 6.01
CA TRP B 334 -9.88 42.15 7.22
C TRP B 334 -9.38 41.37 8.44
N LEU B 335 -9.03 40.11 8.24
CA LEU B 335 -8.68 39.24 9.36
C LEU B 335 -7.31 39.58 9.95
N LYS B 336 -6.40 40.06 9.12
CA LYS B 336 -5.10 40.50 9.61
C LYS B 336 -5.21 41.73 10.51
N SER B 337 -6.17 42.61 10.22
CA SER B 337 -6.40 43.78 11.08
C SER B 337 -7.39 43.50 12.21
N HIS B 338 -8.09 42.38 12.15
CA HIS B 338 -9.02 42.00 13.24
C HIS B 338 -8.74 40.58 13.64
N PRO B 339 -7.56 40.36 14.21
CA PRO B 339 -7.17 39.00 14.56
C PRO B 339 -8.17 38.33 15.51
N ALA B 340 -8.37 37.04 15.34
CA ALA B 340 -9.20 36.27 16.26
C ALA B 340 -8.40 35.97 17.52
N LYS B 341 -9.10 35.62 18.59
CA LYS B 341 -8.46 35.32 19.86
C LYS B 341 -8.87 33.94 20.34
N ALA B 342 -7.91 33.16 20.84
CA ALA B 342 -8.17 31.81 21.31
C ALA B 342 -8.92 31.82 22.64
#